data_1FFZ
#
_entry.id   1FFZ
#
_cell.length_a   212.000
_cell.length_b   300.000
_cell.length_c   574.000
_cell.angle_alpha   90.00
_cell.angle_beta   90.00
_cell.angle_gamma   90.00
#
_symmetry.space_group_name_H-M   'C 2 2 21'
#
loop_
_entity.id
_entity.type
_entity.pdbx_description
1 polymer '23S RIBOSOMAL RNA'
2 polymer R(P*CP*C*)-D(P*A)-R(P*(PU))
#
loop_
_entity_poly.entity_id
_entity_poly.type
_entity_poly.pdbx_seq_one_letter_code
_entity_poly.pdbx_strand_id
1 'polyribonucleotide'
;UUCCAGUGCGGAGUCUGGAGACACCCAGGGGGAAGCGAAGACCCUAUGGAGCUUUACUGCAGGCUGUCGCUGAGACGUGG
UCGCCGAUGUGCAGCAUAGGUAGGAGACACUACACAGGUACCCGCGCUAGCGGGCCACCGAGUCAACAGUGAAAUACUAC
CCGUCGGUGACUGCGACUCUCACUCCGGGAGGAGGACACCGAUAGCCGGGCAGUUUGACUGGGGCGGUACGCGCUCGAAA
AGAUAUCGAGCGCGCCCUAUGGCUAUCUCAGCCGGGACAGAGACCCGGCGAAGAGUGCAAGAGCAAAAGAUAGCUUGACA
GUGUUCUUCCCAACGAGGAACGCUGACGCGAAAGCGUGGUCUAGCGAACCAAUUAGCCUGCUUGAUGCGGGCAAUUGAUG
ACAGAAAAGCUACCCUAGGGAUAACAGAGUCGUCACUCGCAAGAGCACAUAUCGACCGAGUGGCUUGCUACCUCGAUGUC
GGUUCCCUCCAUCCUGCCCGUGCAGAAGCGGGCAAGGGUGAGGUUGUUCGCCUAUUAAAGGAGGUCGUGAGCUGGGUUUA
GACCGUCGUGAGACAGGUCGGCUGCUAUCUACUGGGUGUGUA
;
A
2 'polydeoxyribonucleotide/polyribonucleotide hybrid' CC(DA)(PU) B
#
loop_
_chem_comp.id
_chem_comp.type
_chem_comp.name
_chem_comp.formula
A RNA linking ADENOSINE-5'-MONOPHOSPHATE 'C10 H14 N5 O7 P'
C RNA linking CYTIDINE-5'-MONOPHOSPHATE 'C9 H14 N3 O8 P'
DA DNA linking 2'-DEOXYADENOSINE-5'-MONOPHOSPHATE 'C10 H14 N5 O6 P'
G RNA linking GUANOSINE-5'-MONOPHOSPHATE 'C10 H14 N5 O8 P'
PU RNA linking 'PUROMYCIN-N-AMINOPHOSPHONIC ACID' 'C22 H30 N7 O8 P'
U RNA linking URIDINE-5'-MONOPHOSPHATE 'C9 H13 N2 O9 P'
#
# COMPACT_ATOMS: atom_id res chain seq x y z
P PU B 4 -1.52 -1.63 -1.05
OP1 PU B 4 -2.49 -1.50 -2.18
OP2 PU B 4 -0.16 -2.19 -1.33
N PU B 4 -1.27 -0.23 -0.58
CA PU B 4 0.00 0.00 0.00
C PU B 4 0.23 -0.41 1.52
O PU B 4 -0.28 -1.48 1.94
CB PU B 4 -0.08 1.59 0.02
CG PU B 4 0.04 2.21 -1.45
CD1 PU B 4 1.10 2.94 -1.98
CD2 PU B 4 -1.06 2.18 -2.35
CE1 PU B 4 1.11 3.59 -3.50
CE2 PU B 4 -1.03 2.83 -3.83
CZ PU B 4 0.07 3.54 -4.20
OC PU B 4 -0.11 4.07 -5.39
CM PU B 4 1.01 4.90 -5.93
O5' PU B 4 -0.80 1.28 4.90
C5' PU B 4 0.35 2.16 4.97
C4' PU B 4 1.57 1.46 4.41
O4' PU B 4 2.46 1.07 5.48
C3' PU B 4 1.28 0.20 3.64
N3' PU B 4 0.93 0.44 2.23
C2' PU B 4 2.58 -0.56 3.77
O2' PU B 4 2.99 0.35 2.77
C1' PU B 4 3.05 -0.17 5.19
N9 PU B 4 2.76 -1.03 6.33
C8 PU B 4 1.50 -1.18 6.90
N7 PU B 4 1.48 -1.99 7.92
C5 PU B 4 2.81 -2.38 8.09
C6 PU B 4 3.46 -3.22 8.98
N6 PU B 4 2.84 -3.85 9.98
C9 PU B 4 1.39 -3.71 10.15
C10 PU B 4 3.52 -4.71 10.89
N1 PU B 4 4.80 -3.41 8.87
C2 PU B 4 5.43 -2.75 7.87
C4 PU B 4 3.60 -1.77 7.12
N3 PU B 4 4.94 -1.94 6.95
#